data_2QEA
#
_entry.id   2QEA
#
_cell.length_a   73.673
_cell.length_b   73.673
_cell.length_c   367.524
_cell.angle_alpha   90.000
_cell.angle_beta   90.000
_cell.angle_gamma   120.000
#
_symmetry.space_group_name_H-M   'P 61 2 2'
#
loop_
_entity.id
_entity.type
_entity.pdbx_description
1 polymer 'Putative general stress protein 26'
2 non-polymer 'CALCIUM ION'
3 water water
#
_entity_poly.entity_id   1
_entity_poly.type   'polypeptide(L)'
_entity_poly.pdbx_seq_one_letter_code
;G(MSE)ADLTHEFWDRLEDVRSG(MSE)LGIKGQGRLIP(MSE)SPQTDDDAPGAIWFITAKGTDLAKGVAAGPQPAQFV
VSDDGEGLYADLDGTLERSTDREALDEFWSFVADAWFDGGQHDPDVCLLKFTPASGEISITEGGGARFLYEIAKAHLTDE
TPD(MSE)GEQATVTF
;
_entity_poly.pdbx_strand_id   A,B,C
#
loop_
_chem_comp.id
_chem_comp.type
_chem_comp.name
_chem_comp.formula
CA non-polymer 'CALCIUM ION' 'Ca 2'
#
# COMPACT_ATOMS: atom_id res chain seq x y z
N GLY A 1 4.07 -18.39 -17.67
CA GLY A 1 2.87 -17.53 -17.90
C GLY A 1 2.46 -16.72 -16.67
N MSE A 2 1.74 -15.62 -16.92
CA MSE A 2 1.24 -14.73 -15.85
C MSE A 2 0.09 -15.40 -15.09
O MSE A 2 0.05 -15.37 -13.86
CB MSE A 2 0.78 -13.38 -16.42
N ALA A 3 -0.84 -16.01 -15.84
CA ALA A 3 -1.98 -16.75 -15.28
C ALA A 3 -1.55 -17.99 -14.48
N ASP A 4 -0.51 -18.69 -14.96
CA ASP A 4 0.06 -19.88 -14.29
C ASP A 4 0.66 -19.54 -12.93
N LEU A 5 1.38 -18.40 -12.86
CA LEU A 5 1.98 -17.91 -11.61
C LEU A 5 0.89 -17.43 -10.64
N THR A 6 -0.21 -16.87 -11.18
CA THR A 6 -1.38 -16.45 -10.38
C THR A 6 -2.09 -17.66 -9.76
N HIS A 7 -2.34 -18.69 -10.57
CA HIS A 7 -2.96 -19.94 -10.09
C HIS A 7 -2.13 -20.60 -8.98
N GLU A 8 -0.81 -20.61 -9.14
CA GLU A 8 0.12 -21.17 -8.15
C GLU A 8 0.17 -20.36 -6.84
N PHE A 9 -0.06 -19.05 -6.92
CA PHE A 9 -0.15 -18.19 -5.73
C PHE A 9 -1.31 -18.65 -4.84
N TRP A 10 -2.50 -18.77 -5.44
CA TRP A 10 -3.72 -19.23 -4.73
C TRP A 10 -3.57 -20.69 -4.27
N ASP A 11 -2.86 -21.48 -5.08
CA ASP A 11 -2.59 -22.89 -4.79
C ASP A 11 -1.83 -23.02 -3.47
N ARG A 12 -0.75 -22.25 -3.31
CA ARG A 12 0.09 -22.31 -2.10
C ARG A 12 -0.36 -21.48 -0.90
N LEU A 13 -1.13 -20.40 -1.15
CA LEU A 13 -1.60 -19.50 -0.08
C LEU A 13 -2.44 -20.18 1.03
N GLU A 14 -3.12 -21.27 0.69
CA GLU A 14 -3.93 -22.06 1.64
C GLU A 14 -3.12 -22.59 2.83
N ASP A 15 -1.94 -23.13 2.53
CA ASP A 15 -1.02 -23.67 3.55
C ASP A 15 -0.19 -22.60 4.31
N VAL A 16 -0.32 -21.32 3.93
CA VAL A 16 0.38 -20.21 4.60
C VAL A 16 -0.41 -19.87 5.86
N ARG A 17 0.18 -20.14 7.03
CA ARG A 17 -0.47 -19.88 8.33
C ARG A 17 -0.58 -18.41 8.71
N SER A 18 0.42 -17.61 8.33
CA SER A 18 0.48 -16.18 8.68
C SER A 18 0.83 -15.26 7.52
N GLY A 19 0.43 -14.00 7.69
CA GLY A 19 0.70 -12.92 6.73
C GLY A 19 0.63 -11.58 7.43
N MSE A 20 1.20 -10.55 6.81
CA MSE A 20 1.28 -9.20 7.39
C MSE A 20 0.29 -8.29 6.67
O MSE A 20 0.52 -7.93 5.51
CB MSE A 20 2.71 -8.69 7.30
CG MSE A 20 3.74 -9.55 8.01
SE MSE A 20 3.58 -9.51 9.94
CE MSE A 20 4.13 -7.66 10.25
N LEU A 21 -0.80 -7.93 7.36
CA LEU A 21 -1.91 -7.13 6.79
C LEU A 21 -1.95 -5.70 7.33
N GLY A 22 -2.44 -4.78 6.50
CA GLY A 22 -2.56 -3.37 6.88
C GLY A 22 -3.28 -2.49 5.88
N ILE A 23 -3.86 -1.40 6.37
CA ILE A 23 -4.56 -0.40 5.56
C ILE A 23 -3.50 0.64 5.18
N LYS A 24 -3.47 1.04 3.91
CA LYS A 24 -2.46 2.00 3.41
C LYS A 24 -2.57 3.38 4.07
N GLY A 25 -1.43 3.89 4.54
CA GLY A 25 -1.37 5.18 5.23
C GLY A 25 -1.90 5.21 6.66
N GLN A 26 -2.09 4.02 7.27
CA GLN A 26 -2.59 3.89 8.65
C GLN A 26 -1.76 2.84 9.41
N GLY A 27 -0.79 3.32 10.19
CA GLY A 27 0.08 2.47 11.01
C GLY A 27 0.99 1.55 10.21
N ARG A 28 1.43 0.48 10.88
CA ARG A 28 2.29 -0.54 10.28
C ARG A 28 1.53 -1.84 10.06
N LEU A 29 2.15 -2.77 9.34
CA LEU A 29 1.57 -4.08 9.07
C LEU A 29 1.64 -4.95 10.33
N ILE A 30 0.58 -5.72 10.60
CA ILE A 30 0.48 -6.62 11.77
C ILE A 30 0.21 -8.06 11.31
N PRO A 31 0.65 -9.07 12.10
CA PRO A 31 0.42 -10.47 11.72
C PRO A 31 -1.06 -10.89 11.80
N MSE A 32 -1.56 -11.53 10.74
CA MSE A 32 -2.94 -12.04 10.63
C MSE A 32 -2.93 -13.44 10.00
O MSE A 32 -1.96 -13.80 9.33
CB MSE A 32 -3.79 -11.12 9.76
CG MSE A 32 -3.91 -9.69 10.26
SE MSE A 32 -4.92 -9.56 11.92
CE MSE A 32 -6.69 -9.96 11.21
N SER A 33 -4.00 -14.20 10.21
CA SER A 33 -4.14 -15.57 9.68
C SER A 33 -5.01 -15.58 8.41
N PRO A 34 -4.39 -15.69 7.21
CA PRO A 34 -5.20 -15.73 5.98
C PRO A 34 -5.92 -17.07 5.81
N GLN A 35 -7.22 -17.00 5.51
CA GLN A 35 -8.05 -18.17 5.29
C GLN A 35 -8.53 -18.13 3.84
N THR A 36 -8.15 -19.13 3.05
CA THR A 36 -8.52 -19.22 1.63
C THR A 36 -8.85 -20.65 1.21
N ASP A 37 -9.43 -20.76 0.02
CA ASP A 37 -9.78 -22.04 -0.59
C ASP A 37 -9.49 -21.86 -2.08
N ASP A 38 -8.59 -22.69 -2.64
CA ASP A 38 -8.21 -22.60 -4.07
C ASP A 38 -9.30 -23.06 -5.06
N ASP A 39 -10.39 -23.65 -4.55
CA ASP A 39 -11.59 -23.94 -5.35
C ASP A 39 -12.32 -22.63 -5.69
N ALA A 40 -12.30 -21.68 -4.75
CA ALA A 40 -12.91 -20.34 -4.90
C ALA A 40 -11.86 -19.24 -4.67
N PRO A 41 -10.92 -19.05 -5.63
CA PRO A 41 -9.91 -17.99 -5.51
C PRO A 41 -10.47 -16.61 -5.82
N GLY A 42 -9.73 -15.57 -5.43
CA GLY A 42 -10.10 -14.17 -5.67
C GLY A 42 -9.99 -13.27 -4.45
N ALA A 43 -10.29 -13.82 -3.26
CA ALA A 43 -10.24 -13.08 -2.00
C ALA A 43 -9.53 -13.84 -0.88
N ILE A 44 -8.89 -13.09 0.02
CA ILE A 44 -8.19 -13.62 1.20
C ILE A 44 -9.02 -13.17 2.41
N TRP A 45 -9.45 -14.13 3.24
CA TRP A 45 -10.34 -13.87 4.38
C TRP A 45 -9.62 -13.88 5.72
N PHE A 46 -10.05 -12.98 6.63
CA PHE A 46 -9.48 -12.86 7.99
C PHE A 46 -10.60 -12.70 9.03
N ILE A 47 -10.45 -13.40 10.16
CA ILE A 47 -11.37 -13.31 11.30
C ILE A 47 -10.65 -12.47 12.36
N THR A 48 -11.24 -11.33 12.73
CA THR A 48 -10.67 -10.41 13.72
C THR A 48 -11.73 -9.83 14.67
N ALA A 49 -11.28 -9.06 15.66
CA ALA A 49 -12.14 -8.41 16.65
C ALA A 49 -12.64 -7.06 16.14
N LYS A 50 -13.87 -6.68 16.49
CA LYS A 50 -14.45 -5.37 16.10
C LYS A 50 -13.70 -4.17 16.70
N GLY A 51 -13.13 -4.34 17.88
CA GLY A 51 -12.34 -3.29 18.56
C GLY A 51 -10.95 -3.01 18.00
N THR A 52 -10.46 -3.85 17.08
CA THR A 52 -9.11 -3.67 16.48
C THR A 52 -9.09 -2.50 15.48
N ASP A 53 -7.88 -2.04 15.16
CA ASP A 53 -7.68 -0.92 14.23
C ASP A 53 -8.09 -1.25 12.79
N LEU A 54 -7.81 -2.48 12.35
CA LEU A 54 -8.23 -2.94 11.01
C LEU A 54 -9.76 -2.99 10.85
N ALA A 55 -10.46 -3.43 11.89
CA ALA A 55 -11.94 -3.48 11.91
C ALA A 55 -12.53 -2.07 11.86
N LYS A 56 -12.07 -1.21 12.76
CA LYS A 56 -12.51 0.20 12.81
C LYS A 56 -12.12 0.99 11.55
N GLY A 57 -10.97 0.67 10.96
CA GLY A 57 -10.49 1.31 9.73
C GLY A 57 -11.35 1.06 8.50
N VAL A 58 -11.98 -0.12 8.43
CA VAL A 58 -12.87 -0.51 7.33
C VAL A 58 -14.38 -0.50 7.70
N ALA A 59 -14.73 0.12 8.83
CA ALA A 59 -16.12 0.20 9.30
C ALA A 59 -16.99 1.09 8.41
N ALA A 60 -16.45 2.26 8.03
CA ALA A 60 -17.14 3.19 7.12
C ALA A 60 -17.28 2.65 5.68
N GLY A 61 -16.29 1.87 5.22
CA GLY A 61 -16.31 1.27 3.88
C GLY A 61 -14.98 0.69 3.43
N PRO A 62 -14.90 0.15 2.19
CA PRO A 62 -13.65 -0.40 1.64
C PRO A 62 -12.49 0.60 1.59
N GLN A 63 -11.29 0.14 1.95
CA GLN A 63 -10.06 0.96 1.98
C GLN A 63 -8.90 0.27 1.25
N PRO A 64 -8.02 1.05 0.56
CA PRO A 64 -6.82 0.44 -0.04
C PRO A 64 -5.94 -0.21 1.05
N ALA A 65 -5.48 -1.42 0.79
CA ALA A 65 -4.71 -2.20 1.75
C ALA A 65 -3.54 -2.96 1.15
N GLN A 66 -2.64 -3.40 2.03
CA GLN A 66 -1.45 -4.16 1.68
C GLN A 66 -1.46 -5.47 2.46
N PHE A 67 -1.04 -6.56 1.80
CA PHE A 67 -0.90 -7.87 2.43
C PHE A 67 0.41 -8.50 1.95
N VAL A 68 1.35 -8.67 2.88
CA VAL A 68 2.68 -9.20 2.59
C VAL A 68 2.76 -10.65 3.10
N VAL A 69 3.29 -11.54 2.27
CA VAL A 69 3.47 -12.97 2.58
C VAL A 69 4.95 -13.32 2.40
N SER A 70 5.48 -14.16 3.30
CA SER A 70 6.85 -14.68 3.25
C SER A 70 6.85 -16.01 3.99
N ASP A 71 6.80 -17.11 3.24
CA ASP A 71 6.70 -18.47 3.80
C ASP A 71 7.74 -19.39 3.14
N ASP A 72 8.73 -19.83 3.91
CA ASP A 72 9.80 -20.73 3.43
C ASP A 72 9.30 -22.16 3.20
N GLY A 73 8.41 -22.65 4.06
CA GLY A 73 7.84 -24.00 3.95
C GLY A 73 7.12 -24.24 2.63
N GLU A 74 6.37 -23.24 2.18
CA GLU A 74 5.66 -23.26 0.90
C GLU A 74 6.43 -22.60 -0.25
N GLY A 75 7.40 -21.74 0.08
CA GLY A 75 8.17 -21.02 -0.94
C GLY A 75 7.33 -20.00 -1.69
N LEU A 76 6.43 -19.32 -0.96
CA LEU A 76 5.54 -18.30 -1.50
C LEU A 76 5.91 -16.98 -0.83
N TYR A 77 6.32 -16.01 -1.64
CA TYR A 77 6.70 -14.67 -1.19
C TYR A 77 5.90 -13.70 -2.06
N ALA A 78 5.23 -12.73 -1.45
CA ALA A 78 4.38 -11.80 -2.20
C ALA A 78 4.08 -10.51 -1.46
N ASP A 79 4.21 -9.38 -2.14
CA ASP A 79 3.82 -8.06 -1.64
C ASP A 79 2.63 -7.70 -2.52
N LEU A 80 1.43 -7.70 -1.92
CA LEU A 80 0.17 -7.48 -2.64
C LEU A 80 -0.53 -6.17 -2.29
N ASP A 81 -0.99 -5.46 -3.32
CA ASP A 81 -1.84 -4.27 -3.16
C ASP A 81 -3.26 -4.76 -3.41
N GLY A 82 -4.22 -4.21 -2.66
CA GLY A 82 -5.61 -4.62 -2.79
C GLY A 82 -6.60 -3.72 -2.06
N THR A 83 -7.75 -4.30 -1.71
CA THR A 83 -8.83 -3.60 -1.00
C THR A 83 -9.31 -4.45 0.18
N LEU A 84 -9.30 -3.87 1.38
CA LEU A 84 -9.77 -4.53 2.61
C LEU A 84 -11.16 -3.96 2.93
N GLU A 85 -12.07 -4.84 3.38
CA GLU A 85 -13.44 -4.43 3.73
C GLU A 85 -14.14 -5.41 4.68
N ARG A 86 -15.23 -4.93 5.28
CA ARG A 86 -16.10 -5.72 6.16
CA ARG A 86 -16.04 -5.79 6.15
C ARG A 86 -16.88 -6.69 5.26
N SER A 87 -17.20 -7.88 5.77
CA SER A 87 -18.02 -8.85 5.06
C SER A 87 -19.07 -9.41 6.00
N THR A 88 -20.33 -9.40 5.56
CA THR A 88 -21.46 -9.97 6.29
C THR A 88 -21.91 -11.28 5.61
N ASP A 89 -20.96 -11.99 5.00
CA ASP A 89 -21.22 -13.23 4.26
C ASP A 89 -21.13 -14.38 5.27
N ARG A 90 -22.29 -14.88 5.68
CA ARG A 90 -22.39 -16.02 6.63
C ARG A 90 -21.82 -17.33 6.07
N GLU A 91 -21.84 -17.49 4.74
CA GLU A 91 -21.28 -18.68 4.06
C GLU A 91 -19.76 -18.73 4.22
N ALA A 92 -19.11 -17.58 3.97
CA ALA A 92 -17.65 -17.45 4.12
C ALA A 92 -17.21 -17.56 5.58
N LEU A 93 -17.98 -16.94 6.49
CA LEU A 93 -17.72 -16.99 7.95
C LEU A 93 -17.68 -18.43 8.48
N ASP A 94 -18.69 -19.22 8.12
CA ASP A 94 -18.81 -20.62 8.54
C ASP A 94 -17.75 -21.55 7.90
N GLU A 95 -17.38 -21.28 6.65
CA GLU A 95 -16.37 -22.09 5.92
C GLU A 95 -14.97 -21.96 6.52
N PHE A 96 -14.57 -20.72 6.83
CA PHE A 96 -13.23 -20.42 7.38
C PHE A 96 -13.11 -20.37 8.92
N TRP A 97 -14.17 -20.75 9.64
CA TRP A 97 -14.17 -20.79 11.11
C TRP A 97 -13.43 -22.05 11.56
N SER A 98 -12.63 -21.93 12.62
CA SER A 98 -11.81 -23.02 13.17
C SER A 98 -11.83 -23.10 14.70
N PHE A 99 -11.20 -24.16 15.21
CA PHE A 99 -11.02 -24.38 16.67
C PHE A 99 -10.24 -23.24 17.36
N VAL A 100 -9.32 -22.61 16.61
CA VAL A 100 -8.55 -21.46 17.10
C VAL A 100 -9.49 -20.26 17.30
N ALA A 101 -10.38 -20.01 16.34
CA ALA A 101 -11.39 -18.93 16.43
C ALA A 101 -12.33 -19.08 17.64
N ASP A 102 -12.64 -20.31 18.03
CA ASP A 102 -13.44 -20.60 19.25
C ASP A 102 -12.74 -20.16 20.54
N ALA A 103 -11.41 -20.24 20.57
CA ALA A 103 -10.60 -19.82 21.72
C ALA A 103 -10.64 -18.30 21.92
N TRP A 104 -10.43 -17.56 20.83
CA TRP A 104 -10.47 -16.07 20.87
C TRP A 104 -11.87 -15.48 21.11
N PHE A 105 -12.89 -16.09 20.51
CA PHE A 105 -14.29 -15.64 20.62
C PHE A 105 -15.14 -16.71 21.31
N ASP A 106 -15.34 -16.54 22.63
CA ASP A 106 -16.10 -17.50 23.46
C ASP A 106 -17.56 -17.79 23.05
N GLY A 107 -18.19 -16.85 22.32
CA GLY A 107 -19.57 -16.99 21.82
C GLY A 107 -19.74 -17.57 20.42
N GLY A 108 -18.78 -18.39 19.96
CA GLY A 108 -18.84 -19.00 18.62
C GLY A 108 -18.67 -17.99 17.49
N GLN A 109 -19.11 -18.37 16.29
CA GLN A 109 -19.05 -17.47 15.11
C GLN A 109 -20.09 -16.34 15.17
N HIS A 110 -21.17 -16.55 15.94
CA HIS A 110 -22.21 -15.54 16.18
C HIS A 110 -21.92 -14.93 17.57
N ASP A 111 -20.80 -14.21 17.64
CA ASP A 111 -20.31 -13.52 18.83
C ASP A 111 -20.32 -12.01 18.46
N PRO A 112 -20.69 -11.11 19.40
CA PRO A 112 -20.72 -9.67 19.07
C PRO A 112 -19.40 -9.04 18.60
N ASP A 113 -18.28 -9.52 19.14
CA ASP A 113 -16.94 -9.02 18.78
C ASP A 113 -16.38 -9.55 17.45
N VAL A 114 -16.95 -10.64 16.90
CA VAL A 114 -16.44 -11.24 15.64
C VAL A 114 -16.65 -10.30 14.44
N CYS A 115 -15.64 -10.23 13.58
CA CYS A 115 -15.62 -9.38 12.39
C CYS A 115 -14.86 -10.07 11.25
N LEU A 116 -15.57 -10.41 10.17
CA LEU A 116 -14.98 -11.06 8.99
C LEU A 116 -14.47 -9.97 8.04
N LEU A 117 -13.18 -10.02 7.72
CA LEU A 117 -12.53 -9.09 6.78
C LEU A 117 -12.21 -9.81 5.46
N LYS A 118 -12.42 -9.13 4.34
CA LYS A 118 -12.18 -9.66 2.99
C LYS A 118 -11.15 -8.77 2.29
N PHE A 119 -10.01 -9.36 1.92
CA PHE A 119 -8.94 -8.69 1.17
C PHE A 119 -8.96 -9.21 -0.25
N THR A 120 -9.24 -8.32 -1.21
CA THR A 120 -9.26 -8.66 -2.64
C THR A 120 -7.94 -8.12 -3.23
N PRO A 121 -7.01 -9.02 -3.65
CA PRO A 121 -5.78 -8.52 -4.28
C PRO A 121 -6.05 -7.91 -5.66
N ALA A 122 -5.39 -6.78 -5.92
CA ALA A 122 -5.45 -6.06 -7.20
C ALA A 122 -4.22 -6.42 -8.04
N SER A 123 -3.05 -6.32 -7.40
CA SER A 123 -1.76 -6.67 -8.04
C SER A 123 -0.68 -6.94 -7.00
N GLY A 124 0.47 -7.41 -7.45
CA GLY A 124 1.59 -7.68 -6.55
C GLY A 124 2.79 -8.35 -7.19
N GLU A 125 3.96 -8.20 -6.55
CA GLU A 125 5.19 -8.84 -7.02
C GLU A 125 5.29 -10.14 -6.23
N ILE A 126 5.18 -11.27 -6.93
CA ILE A 126 5.14 -12.61 -6.35
C ILE A 126 6.36 -13.45 -6.76
N SER A 127 6.92 -14.19 -5.80
CA SER A 127 8.01 -15.15 -6.05
C SER A 127 7.53 -16.54 -5.61
N ILE A 128 7.75 -17.53 -6.47
CA ILE A 128 7.40 -18.93 -6.27
C ILE A 128 8.72 -19.70 -6.32
N THR A 129 9.09 -20.41 -5.25
CA THR A 129 10.35 -21.18 -5.18
C THR A 129 10.14 -22.62 -4.71
N GLU A 130 11.16 -23.45 -4.90
CA GLU A 130 11.14 -24.87 -4.51
C GLU A 130 11.09 -25.16 -2.98
N GLY A 131 11.24 -24.12 -2.14
CA GLY A 131 11.14 -24.22 -0.69
C GLY A 131 12.49 -24.13 -0.01
N GLY A 132 12.59 -24.73 1.19
CA GLY A 132 13.83 -24.78 1.97
C GLY A 132 14.10 -26.15 2.61
N GLY A 133 13.64 -27.21 1.94
CA GLY A 133 13.77 -28.59 2.40
C GLY A 133 14.76 -29.39 1.55
N ALA A 134 14.39 -30.63 1.24
CA ALA A 134 15.23 -31.56 0.47
C ALA A 134 15.67 -31.05 -0.91
N ARG A 135 14.74 -30.43 -1.64
CA ARG A 135 15.02 -29.91 -3.00
C ARG A 135 15.95 -28.68 -3.00
N PHE A 136 15.80 -27.80 -1.99
CA PHE A 136 16.66 -26.61 -1.86
C PHE A 136 18.12 -26.98 -1.59
N LEU A 137 18.34 -27.94 -0.67
CA LEU A 137 19.68 -28.44 -0.35
C LEU A 137 20.34 -29.11 -1.57
N TYR A 138 19.55 -29.87 -2.32
CA TYR A 138 20.00 -30.52 -3.56
C TYR A 138 20.38 -29.49 -4.64
N GLU A 139 19.53 -28.47 -4.81
CA GLU A 139 19.74 -27.45 -5.85
C GLU A 139 20.99 -26.60 -5.62
N ILE A 140 21.26 -26.26 -4.36
CA ILE A 140 22.49 -25.51 -3.98
C ILE A 140 23.72 -26.40 -4.19
N ALA A 141 23.65 -27.65 -3.74
CA ALA A 141 24.73 -28.64 -3.94
C ALA A 141 24.99 -28.93 -5.43
N LYS A 142 23.92 -29.00 -6.22
CA LYS A 142 24.02 -29.22 -7.67
C LYS A 142 24.64 -28.01 -8.39
N ALA A 143 24.32 -26.81 -7.92
CA ALA A 143 24.88 -25.55 -8.45
C ALA A 143 26.40 -25.51 -8.33
N HIS A 144 26.92 -25.90 -7.16
CA HIS A 144 28.38 -26.01 -6.91
C HIS A 144 29.05 -27.07 -7.79
N LEU A 145 28.38 -28.22 -7.94
CA LEU A 145 28.90 -29.35 -8.71
C LEU A 145 28.92 -29.15 -10.24
N THR A 146 28.07 -28.26 -10.77
CA THR A 146 27.93 -28.02 -12.22
C THR A 146 28.34 -26.64 -12.78
N ASP A 147 28.74 -25.69 -11.92
CA ASP A 147 29.07 -24.29 -12.34
C ASP A 147 27.89 -23.61 -13.06
N GLU A 148 26.72 -23.73 -12.44
CA GLU A 148 25.47 -23.14 -12.91
C GLU A 148 24.78 -22.53 -11.69
N THR A 149 24.09 -21.41 -11.89
CA THR A 149 23.35 -20.77 -10.79
C THR A 149 22.10 -21.62 -10.49
N PRO A 150 21.66 -21.68 -9.21
CA PRO A 150 20.48 -22.49 -8.85
C PRO A 150 19.19 -22.04 -9.54
N ASP A 151 18.37 -23.02 -9.95
CA ASP A 151 17.05 -22.76 -10.56
C ASP A 151 16.07 -22.73 -9.39
N MSE A 152 15.99 -21.58 -8.72
CA MSE A 152 15.12 -21.40 -7.55
C MSE A 152 13.64 -21.46 -7.94
O MSE A 152 12.89 -22.27 -7.39
CB MSE A 152 15.42 -20.07 -6.83
N GLY A 153 13.26 -20.63 -8.91
CA GLY A 153 11.87 -20.59 -9.41
C GLY A 153 11.53 -19.37 -10.24
N GLU A 154 10.24 -18.99 -10.22
CA GLU A 154 9.72 -17.85 -11.00
C GLU A 154 9.43 -16.62 -10.14
N GLN A 155 9.63 -15.43 -10.72
CA GLN A 155 9.35 -14.13 -10.09
C GLN A 155 8.66 -13.24 -11.13
N ALA A 156 7.58 -12.56 -10.73
CA ALA A 156 6.85 -11.67 -11.64
C ALA A 156 5.88 -10.71 -10.93
N THR A 157 5.56 -9.61 -11.60
CA THR A 157 4.59 -8.62 -11.15
C THR A 157 3.30 -9.03 -11.86
N VAL A 158 2.30 -9.42 -11.07
CA VAL A 158 1.02 -9.95 -11.54
C VAL A 158 -0.14 -8.97 -11.32
N THR A 159 -1.11 -8.99 -12.23
CA THR A 159 -2.37 -8.24 -12.11
C THR A 159 -3.47 -9.28 -11.94
N PHE A 160 -4.18 -9.23 -10.81
CA PHE A 160 -5.27 -10.18 -10.53
C PHE A 160 -6.54 -9.82 -11.31
N MSE B 2 9.52 -2.64 25.12
CA MSE B 2 10.53 -2.76 26.21
C MSE B 2 11.90 -3.21 25.68
O MSE B 2 12.05 -3.52 24.48
CB MSE B 2 10.04 -3.74 27.29
N ALA B 3 12.90 -3.24 26.58
CA ALA B 3 14.27 -3.69 26.24
C ALA B 3 14.32 -5.19 25.94
N ASP B 4 13.54 -5.99 26.68
CA ASP B 4 13.46 -7.45 26.49
C ASP B 4 12.89 -7.84 25.13
N LEU B 5 11.93 -7.06 24.62
CA LEU B 5 11.30 -7.30 23.30
C LEU B 5 12.31 -7.07 22.17
N THR B 6 13.16 -6.04 22.31
CA THR B 6 14.24 -5.74 21.35
C THR B 6 15.28 -6.86 21.34
N HIS B 7 15.71 -7.31 22.52
CA HIS B 7 16.67 -8.42 22.66
C HIS B 7 16.10 -9.74 22.08
N GLU B 8 14.81 -9.98 22.32
CA GLU B 8 14.12 -11.17 21.79
C GLU B 8 13.99 -11.09 20.26
N PHE B 9 13.80 -9.89 19.70
CA PHE B 9 13.73 -9.68 18.24
C PHE B 9 15.03 -10.12 17.55
N TRP B 10 16.16 -9.57 18.02
CA TRP B 10 17.48 -9.91 17.48
C TRP B 10 17.86 -11.38 17.66
N ASP B 11 17.46 -11.97 18.79
CA ASP B 11 17.72 -13.37 19.10
C ASP B 11 17.02 -14.33 18.14
N ARG B 12 15.75 -14.04 17.85
CA ARG B 12 14.95 -14.85 16.92
C ARG B 12 15.19 -14.54 15.43
N LEU B 13 15.57 -13.29 15.12
CA LEU B 13 15.91 -12.89 13.74
C LEU B 13 17.10 -13.67 13.18
N GLU B 14 18.03 -14.06 14.06
CA GLU B 14 19.23 -14.83 13.71
C GLU B 14 18.95 -16.16 12.99
N ASP B 15 17.82 -16.79 13.29
CA ASP B 15 17.36 -18.04 12.63
C ASP B 15 16.31 -17.85 11.51
N VAL B 16 15.95 -16.61 11.20
CA VAL B 16 14.98 -16.29 10.14
C VAL B 16 15.71 -16.39 8.80
N ARG B 17 15.28 -17.33 7.95
CA ARG B 17 15.89 -17.55 6.62
C ARG B 17 15.54 -16.48 5.59
N SER B 18 14.31 -15.95 5.64
CA SER B 18 13.83 -14.96 4.66
C SER B 18 13.06 -13.78 5.25
N GLY B 19 13.04 -12.69 4.48
CA GLY B 19 12.32 -11.46 4.83
C GLY B 19 12.05 -10.64 3.58
N MSE B 20 11.12 -9.69 3.68
CA MSE B 20 10.70 -8.86 2.54
C MSE B 20 11.29 -7.45 2.66
O MSE B 20 10.87 -6.69 3.52
CB MSE B 20 9.18 -8.83 2.47
CG MSE B 20 8.53 -10.21 2.32
SE MSE B 20 8.87 -11.06 0.61
CE MSE B 20 7.76 -9.92 -0.52
N LEU B 21 12.25 -7.13 1.78
CA LEU B 21 12.99 -5.86 1.80
C LEU B 21 12.65 -4.94 0.63
N GLY B 22 12.78 -3.63 0.86
CA GLY B 22 12.51 -2.63 -0.17
C GLY B 22 12.82 -1.20 0.25
N ILE B 23 13.06 -0.34 -0.75
CA ILE B 23 13.33 1.09 -0.54
C ILE B 23 11.97 1.81 -0.58
N LYS B 24 11.74 2.72 0.37
CA LYS B 24 10.45 3.45 0.45
C LYS B 24 10.19 4.29 -0.79
N GLY B 25 8.97 4.19 -1.32
CA GLY B 25 8.56 4.89 -2.54
C GLY B 25 9.15 4.39 -3.85
N GLN B 26 9.72 3.18 -3.85
CA GLN B 26 10.34 2.57 -5.05
C GLN B 26 9.96 1.10 -5.18
N GLY B 27 9.01 0.80 -6.07
CA GLY B 27 8.55 -0.57 -6.32
C GLY B 27 7.89 -1.23 -5.13
N ARG B 28 7.91 -2.56 -5.13
CA ARG B 28 7.34 -3.39 -4.06
C ARG B 28 8.44 -4.14 -3.32
N LEU B 29 8.06 -4.74 -2.19
CA LEU B 29 8.98 -5.54 -1.38
C LEU B 29 9.29 -6.87 -2.08
N ILE B 30 10.53 -7.36 -1.93
CA ILE B 30 10.98 -8.62 -2.54
C ILE B 30 11.68 -9.51 -1.49
N PRO B 31 11.65 -10.85 -1.67
CA PRO B 31 12.29 -11.74 -0.69
C PRO B 31 13.83 -11.65 -0.69
N MSE B 32 14.41 -11.57 0.51
CA MSE B 32 15.87 -11.49 0.73
C MSE B 32 16.28 -12.34 1.95
O MSE B 32 15.45 -12.60 2.80
CB MSE B 32 16.29 -10.03 0.97
CG MSE B 32 15.98 -9.06 -0.15
SE MSE B 32 16.99 -9.40 -1.77
CE MSE B 32 18.72 -8.78 -1.11
N SER B 33 17.55 -12.73 2.00
CA SER B 33 18.11 -13.55 3.10
C SER B 33 18.85 -12.69 4.15
N PRO B 34 18.19 -12.39 5.30
CA PRO B 34 18.86 -11.56 6.32
C PRO B 34 19.94 -12.32 7.10
N GLN B 35 21.06 -11.63 7.36
CA GLN B 35 22.22 -12.18 8.06
C GLN B 35 22.53 -11.28 9.27
N THR B 36 22.66 -11.85 10.46
CA THR B 36 22.99 -11.11 11.71
C THR B 36 23.93 -11.90 12.63
N ASP B 37 24.80 -11.18 13.34
CA ASP B 37 25.77 -11.77 14.29
C ASP B 37 26.45 -10.68 15.15
N ASP B 38 27.37 -11.09 16.02
CA ASP B 38 28.11 -10.13 16.89
C ASP B 38 29.42 -10.69 17.44
N PRO B 41 24.67 -6.99 17.96
CA PRO B 41 23.61 -6.57 17.04
C PRO B 41 23.77 -5.12 16.55
N GLY B 42 22.80 -4.68 15.74
CA GLY B 42 22.77 -3.32 15.19
C GLY B 42 22.11 -3.23 13.83
N ALA B 43 22.52 -4.10 12.92
CA ALA B 43 22.03 -4.11 11.54
C ALA B 43 21.73 -5.51 11.00
N ILE B 44 20.91 -5.53 9.95
CA ILE B 44 20.54 -6.74 9.20
C ILE B 44 21.31 -6.62 7.89
N TRP B 45 22.04 -7.68 7.53
CA TRP B 45 22.92 -7.68 6.36
C TRP B 45 22.41 -8.62 5.26
N PHE B 46 22.58 -8.20 4.00
CA PHE B 46 22.12 -8.98 2.82
C PHE B 46 23.18 -8.99 1.72
N ILE B 47 23.28 -10.13 1.02
CA ILE B 47 24.16 -10.31 -0.12
C ILE B 47 23.27 -10.33 -1.36
N THR B 48 23.59 -9.47 -2.33
CA THR B 48 22.80 -9.35 -3.57
C THR B 48 23.65 -8.92 -4.77
N ALA B 49 23.04 -8.95 -5.95
CA ALA B 49 23.70 -8.57 -7.22
C ALA B 49 23.68 -7.05 -7.40
N LYS B 50 24.73 -6.50 -8.02
CA LYS B 50 24.81 -5.05 -8.31
C LYS B 50 23.78 -4.56 -9.34
N GLY B 51 23.42 -5.44 -10.29
CA GLY B 51 22.41 -5.13 -11.32
C GLY B 51 20.96 -5.07 -10.87
N THR B 52 20.67 -5.49 -9.62
CA THR B 52 19.30 -5.47 -9.07
C THR B 52 18.85 -4.04 -8.73
N ASP B 53 17.54 -3.86 -8.57
CA ASP B 53 16.95 -2.54 -8.26
C ASP B 53 17.35 -1.99 -6.88
N LEU B 54 17.45 -2.88 -5.88
CA LEU B 54 17.89 -2.51 -4.52
C LEU B 54 19.35 -2.02 -4.49
N ALA B 55 20.22 -2.69 -5.24
CA ALA B 55 21.65 -2.31 -5.34
C ALA B 55 21.82 -0.96 -6.03
N LYS B 56 21.14 -0.78 -7.17
CA LYS B 56 21.15 0.49 -7.91
C LYS B 56 20.47 1.64 -7.14
N GLY B 57 19.42 1.33 -6.39
CA GLY B 57 18.70 2.30 -5.56
C GLY B 57 19.50 2.93 -4.43
N VAL B 58 20.46 2.19 -3.87
CA VAL B 58 21.35 2.67 -2.79
C VAL B 58 22.79 2.97 -3.27
N ALA B 59 23.00 3.11 -4.59
CA ALA B 59 24.33 3.40 -5.16
C ALA B 59 24.80 4.82 -4.82
N ALA B 60 23.89 5.80 -4.92
CA ALA B 60 24.18 7.20 -4.59
C ALA B 60 24.44 7.41 -3.09
N GLY B 61 23.64 6.74 -2.25
CA GLY B 61 23.80 6.84 -0.79
C GLY B 61 22.73 6.08 0.00
N PRO B 62 22.74 6.21 1.36
CA PRO B 62 21.74 5.56 2.20
C PRO B 62 20.31 6.08 1.97
N GLN B 63 19.37 5.16 1.73
CA GLN B 63 17.96 5.49 1.46
C GLN B 63 17.05 4.95 2.59
N PRO B 64 15.93 5.67 2.90
CA PRO B 64 14.97 5.12 3.87
C PRO B 64 14.33 3.85 3.28
N ALA B 65 14.27 2.79 4.08
CA ALA B 65 13.79 1.50 3.62
C ALA B 65 12.88 0.79 4.63
N GLN B 66 12.22 -0.25 4.12
CA GLN B 66 11.32 -1.10 4.89
C GLN B 66 11.80 -2.55 4.83
N PHE B 67 11.67 -3.25 5.95
CA PHE B 67 11.98 -4.68 6.04
C PHE B 67 10.88 -5.36 6.86
N VAL B 68 10.23 -6.36 6.27
CA VAL B 68 9.11 -7.08 6.89
C VAL B 68 9.50 -8.55 7.12
N VAL B 69 9.22 -9.05 8.32
CA VAL B 69 9.49 -10.43 8.71
C VAL B 69 8.17 -11.08 9.13
N SER B 70 7.97 -12.32 8.71
CA SER B 70 6.78 -13.12 9.06
C SER B 70 7.23 -14.58 9.05
N ASP B 71 7.78 -15.02 10.19
CA ASP B 71 8.34 -16.38 10.35
C ASP B 71 7.59 -17.17 11.42
N ASP B 72 6.86 -18.21 10.97
CA ASP B 72 6.10 -19.11 11.88
C ASP B 72 6.99 -20.03 12.70
N GLY B 73 8.09 -20.52 12.10
CA GLY B 73 9.06 -21.40 12.77
C GLY B 73 9.63 -20.77 14.04
N GLU B 74 10.06 -19.52 13.92
CA GLU B 74 10.59 -18.74 15.05
C GLU B 74 9.52 -17.99 15.84
N GLY B 75 8.37 -17.73 15.22
CA GLY B 75 7.29 -16.97 15.85
C GLY B 75 7.66 -15.50 15.97
N LEU B 76 8.30 -14.96 14.92
CA LEU B 76 8.72 -13.56 14.85
C LEU B 76 7.98 -12.90 13.70
N TYR B 77 7.26 -11.83 14.01
CA TYR B 77 6.50 -11.05 13.03
C TYR B 77 6.86 -9.59 13.26
N ALA B 78 7.38 -8.92 12.24
CA ALA B 78 7.83 -7.52 12.36
C ALA B 78 7.73 -6.71 11.07
N ASP B 79 7.33 -5.44 11.19
CA ASP B 79 7.30 -4.47 10.09
C ASP B 79 8.25 -3.37 10.59
N LEU B 80 9.44 -3.31 10.00
CA LEU B 80 10.50 -2.40 10.43
C LEU B 80 10.75 -1.27 9.45
N ASP B 81 10.85 -0.04 9.97
CA ASP B 81 11.28 1.13 9.19
C ASP B 81 12.76 1.30 9.53
N GLY B 82 13.57 1.63 8.54
CA GLY B 82 15.01 1.80 8.74
C GLY B 82 15.72 2.45 7.58
N THR B 83 17.01 2.16 7.46
CA THR B 83 17.88 2.74 6.43
C THR B 83 18.66 1.63 5.72
N LEU B 84 18.56 1.58 4.39
CA LEU B 84 19.29 0.61 3.56
C LEU B 84 20.44 1.36 2.89
N GLU B 85 21.62 0.73 2.86
CA GLU B 85 22.83 1.31 2.24
C GLU B 85 23.81 0.24 1.76
N ARG B 86 24.61 0.59 0.77
CA ARG B 86 25.66 -0.28 0.24
C ARG B 86 26.85 -0.20 1.19
N SER B 87 27.37 -1.35 1.61
CA SER B 87 28.51 -1.45 2.52
C SER B 87 29.75 -1.99 1.80
N THR B 88 30.90 -1.36 2.04
CA THR B 88 32.21 -1.78 1.50
C THR B 88 33.11 -2.37 2.61
N ASP B 89 32.47 -2.99 3.62
CA ASP B 89 33.16 -3.55 4.78
C ASP B 89 33.62 -4.98 4.45
N ARG B 90 34.94 -5.20 4.46
CA ARG B 90 35.55 -6.52 4.18
C ARG B 90 35.22 -7.57 5.25
N GLU B 91 35.25 -7.15 6.52
CA GLU B 91 35.02 -8.05 7.67
C GLU B 91 33.59 -8.58 7.71
N ALA B 92 32.62 -7.70 7.45
CA ALA B 92 31.20 -8.07 7.39
C ALA B 92 30.91 -9.00 6.21
N LEU B 93 31.48 -8.66 5.04
CA LEU B 93 31.36 -9.47 3.82
C LEU B 93 31.84 -10.91 4.05
N ASP B 94 33.03 -11.05 4.66
CA ASP B 94 33.62 -12.36 4.97
C ASP B 94 32.82 -13.14 6.04
N GLU B 95 32.30 -12.44 7.03
CA GLU B 95 31.52 -13.03 8.13
C GLU B 95 30.19 -13.64 7.66
N PHE B 96 29.43 -12.89 6.86
CA PHE B 96 28.11 -13.31 6.36
C PHE B 96 28.11 -14.06 5.01
N TRP B 97 29.29 -14.37 4.47
CA TRP B 97 29.42 -15.15 3.22
C TRP B 97 29.14 -16.61 3.58
N SER B 98 28.49 -17.35 2.69
CA SER B 98 28.10 -18.74 2.92
C SER B 98 28.18 -19.64 1.68
N PHE B 99 27.95 -20.94 1.90
CA PHE B 99 27.91 -21.95 0.84
C PHE B 99 26.76 -21.68 -0.16
N VAL B 100 25.65 -21.13 0.33
CA VAL B 100 24.50 -20.75 -0.50
C VAL B 100 24.86 -19.56 -1.42
N ALA B 101 25.55 -18.56 -0.86
CA ALA B 101 26.00 -17.38 -1.62
C ALA B 101 26.95 -17.72 -2.77
N ASP B 102 27.83 -18.71 -2.58
CA ASP B 102 28.75 -19.20 -3.65
C ASP B 102 28.02 -19.80 -4.86
N ALA B 103 26.85 -20.40 -4.64
CA ALA B 103 26.05 -20.97 -5.73
C ALA B 103 25.58 -19.89 -6.71
N TRP B 104 25.18 -18.73 -6.18
CA TRP B 104 24.72 -17.59 -7.00
C TRP B 104 25.87 -16.79 -7.62
N PHE B 105 26.96 -16.60 -6.85
CA PHE B 105 28.14 -15.85 -7.29
C PHE B 105 29.36 -16.77 -7.42
N ASP B 106 29.60 -17.25 -8.64
CA ASP B 106 30.72 -18.17 -8.95
C ASP B 106 32.15 -17.60 -8.74
N GLY B 107 32.29 -16.28 -8.69
CA GLY B 107 33.59 -15.62 -8.44
C GLY B 107 33.98 -15.41 -6.98
N GLY B 108 33.24 -16.00 -6.04
CA GLY B 108 33.53 -15.86 -4.60
C GLY B 108 33.00 -14.57 -4.00
N GLN B 109 33.41 -14.27 -2.76
CA GLN B 109 32.97 -13.05 -2.05
C GLN B 109 33.45 -11.74 -2.69
N HIS B 110 34.60 -11.78 -3.39
CA HIS B 110 35.16 -10.62 -4.09
C HIS B 110 34.72 -10.51 -5.57
N ASP B 111 33.64 -11.21 -5.96
CA ASP B 111 33.06 -11.17 -7.31
C ASP B 111 32.58 -9.72 -7.57
N PRO B 112 32.88 -9.13 -8.76
CA PRO B 112 32.45 -7.74 -9.03
C PRO B 112 30.94 -7.52 -8.94
N ASP B 113 30.13 -8.52 -9.30
CA ASP B 113 28.67 -8.44 -9.20
C ASP B 113 28.13 -8.47 -7.75
N VAL B 114 28.92 -8.95 -6.78
CA VAL B 114 28.48 -9.01 -5.37
C VAL B 114 28.32 -7.60 -4.76
N CYS B 115 27.26 -7.44 -3.97
CA CYS B 115 26.92 -6.19 -3.31
C CYS B 115 26.40 -6.48 -1.89
N LEU B 116 27.09 -5.98 -0.87
CA LEU B 116 26.69 -6.16 0.53
C LEU B 116 25.81 -4.98 0.95
N LEU B 117 24.53 -5.26 1.21
CA LEU B 117 23.57 -4.26 1.68
C LEU B 117 23.50 -4.32 3.21
N LYS B 118 23.29 -3.17 3.85
CA LYS B 118 23.19 -3.04 5.32
C LYS B 118 21.89 -2.31 5.65
N PHE B 119 20.99 -2.99 6.36
CA PHE B 119 19.72 -2.43 6.82
C PHE B 119 19.81 -2.16 8.32
N THR B 120 19.79 -0.88 8.71
CA THR B 120 19.81 -0.47 10.11
C THR B 120 18.37 -0.14 10.50
N PRO B 121 17.73 -0.94 11.39
CA PRO B 121 16.37 -0.62 11.79
C PRO B 121 16.27 0.62 12.68
N ALA B 122 15.26 1.46 12.42
CA ALA B 122 15.00 2.69 13.18
C ALA B 122 13.92 2.39 14.22
N SER B 123 12.78 1.88 13.73
CA SER B 123 11.64 1.50 14.56
C SER B 123 10.79 0.45 13.86
N GLY B 124 9.87 -0.15 14.62
CA GLY B 124 8.98 -1.16 14.05
C GLY B 124 7.99 -1.76 15.03
N GLU B 125 6.90 -2.31 14.48
CA GLU B 125 5.85 -2.97 15.26
C GLU B 125 6.15 -4.46 15.20
N ILE B 126 6.43 -5.05 16.36
CA ILE B 126 6.87 -6.45 16.48
C ILE B 126 5.93 -7.31 17.35
N SER B 127 5.67 -8.53 16.89
CA SER B 127 4.92 -9.56 17.64
C SER B 127 5.83 -10.78 17.79
N ILE B 128 5.91 -11.32 19.02
CA ILE B 128 6.76 -12.47 19.35
C ILE B 128 5.91 -13.53 20.04
N THR B 129 5.89 -14.76 19.50
CA THR B 129 5.09 -15.88 20.02
C THR B 129 5.80 -16.65 21.15
N GLU B 130 5.53 -16.27 22.39
CA GLU B 130 6.14 -16.91 23.57
C GLU B 130 5.56 -18.32 23.76
N GLY B 131 6.44 -19.29 24.01
CA GLY B 131 6.05 -20.70 24.14
C GLY B 131 5.92 -21.35 22.77
N GLY B 132 5.81 -22.67 22.76
CA GLY B 132 5.67 -23.46 21.53
C GLY B 132 4.28 -24.04 21.42
N GLY B 133 4.20 -25.28 20.92
CA GLY B 133 2.94 -26.00 20.82
C GLY B 133 2.34 -26.40 22.16
N ALA B 134 3.19 -26.58 23.18
CA ALA B 134 2.74 -26.94 24.55
C ALA B 134 1.92 -25.81 25.18
N ARG B 135 2.40 -24.57 25.08
CA ARG B 135 1.66 -23.40 25.58
C ARG B 135 0.40 -23.14 24.75
N PHE B 136 0.51 -23.29 23.43
CA PHE B 136 -0.63 -23.15 22.50
C PHE B 136 -1.78 -24.10 22.90
N LEU B 137 -1.44 -25.36 23.18
CA LEU B 137 -2.38 -26.39 23.64
C LEU B 137 -3.03 -26.01 24.98
N TYR B 138 -2.22 -25.47 25.89
CA TYR B 138 -2.70 -25.02 27.21
C TYR B 138 -3.63 -23.81 27.11
N GLU B 139 -3.22 -22.80 26.33
CA GLU B 139 -4.01 -21.58 26.13
C GLU B 139 -5.40 -21.83 25.50
N ILE B 140 -5.50 -22.82 24.61
CA ILE B 140 -6.78 -23.22 24.01
C ILE B 140 -7.66 -23.93 25.04
N ALA B 141 -7.06 -24.81 25.85
CA ALA B 141 -7.76 -25.49 26.95
C ALA B 141 -8.22 -24.48 28.01
N LYS B 142 -7.34 -23.51 28.32
CA LYS B 142 -7.64 -22.42 29.26
C LYS B 142 -8.77 -21.52 28.76
N ALA B 143 -8.80 -21.24 27.45
CA ALA B 143 -9.83 -20.40 26.80
C ALA B 143 -11.26 -20.90 27.03
N HIS B 144 -11.45 -22.23 27.02
CA HIS B 144 -12.75 -22.84 27.29
C HIS B 144 -13.05 -22.87 28.79
N LEU B 145 -12.02 -23.05 29.63
CA LEU B 145 -12.18 -23.04 31.09
C LEU B 145 -12.47 -21.63 31.67
N THR B 146 -11.82 -20.60 31.11
CA THR B 146 -11.91 -19.22 31.61
C THR B 146 -12.68 -18.18 30.79
N ASP B 147 -12.95 -18.45 29.51
CA ASP B 147 -13.56 -17.47 28.57
C ASP B 147 -12.70 -16.20 28.37
N GLU B 148 -11.39 -16.36 28.48
CA GLU B 148 -10.40 -15.31 28.31
C GLU B 148 -9.72 -15.58 26.98
N THR B 149 -9.34 -14.52 26.27
CA THR B 149 -8.66 -14.64 24.99
C THR B 149 -7.24 -15.17 25.24
N PRO B 150 -6.75 -16.13 24.41
CA PRO B 150 -5.38 -16.66 24.55
C PRO B 150 -4.28 -15.60 24.48
N ASP B 151 -3.28 -15.72 25.35
CA ASP B 151 -2.12 -14.84 25.36
C ASP B 151 -0.94 -15.68 24.83
N MSE B 152 -0.73 -15.60 23.51
CA MSE B 152 0.37 -16.31 22.84
C MSE B 152 1.73 -15.61 22.90
O MSE B 152 2.73 -16.22 22.53
CB MSE B 152 0.01 -16.58 21.36
CG MSE B 152 -1.28 -17.37 21.15
SE MSE B 152 -1.43 -19.00 22.23
CE MSE B 152 0.36 -19.75 21.96
N GLY B 153 1.76 -14.36 23.38
CA GLY B 153 3.01 -13.62 23.52
C GLY B 153 2.86 -12.12 23.66
N GLU B 154 3.97 -11.41 23.42
CA GLU B 154 4.02 -9.94 23.51
C GLU B 154 3.86 -9.30 22.14
N GLN B 155 3.40 -8.06 22.16
CA GLN B 155 3.20 -7.23 20.97
C GLN B 155 3.45 -5.77 21.36
N ALA B 156 4.31 -5.09 20.62
CA ALA B 156 4.62 -3.68 20.88
C ALA B 156 5.35 -2.99 19.72
N THR B 157 5.33 -1.65 19.76
CA THR B 157 6.02 -0.81 18.79
C THR B 157 7.29 -0.34 19.49
N VAL B 158 8.44 -0.69 18.91
CA VAL B 158 9.77 -0.44 19.49
C VAL B 158 10.59 0.55 18.65
N THR B 159 11.40 1.35 19.35
CA THR B 159 12.36 2.28 18.74
C THR B 159 13.74 1.66 19.01
N PHE B 160 14.48 1.34 17.95
CA PHE B 160 15.81 0.73 18.08
C PHE B 160 16.87 1.77 18.45
N MSE C 2 2.92 30.73 -20.72
CA MSE C 2 2.43 30.37 -19.36
C MSE C 2 1.18 31.18 -19.00
O MSE C 2 0.13 30.62 -18.71
CB MSE C 2 3.53 30.59 -18.31
N ALA C 3 1.33 32.52 -19.03
CA ALA C 3 0.21 33.46 -18.74
C ALA C 3 -0.95 33.39 -19.73
N ASP C 4 -0.64 33.08 -21.00
CA ASP C 4 -1.65 32.93 -22.06
C ASP C 4 -2.54 31.71 -21.81
N LEU C 5 -1.92 30.57 -21.47
CA LEU C 5 -2.63 29.33 -21.17
C LEU C 5 -3.44 29.42 -19.86
N THR C 6 -2.90 30.12 -18.86
CA THR C 6 -3.59 30.35 -17.56
C THR C 6 -4.87 31.17 -17.74
N HIS C 7 -4.80 32.21 -18.58
CA HIS C 7 -5.96 33.05 -18.91
C HIS C 7 -7.08 32.20 -19.55
N GLU C 8 -6.68 31.30 -20.46
CA GLU C 8 -7.62 30.37 -21.11
C GLU C 8 -8.20 29.36 -20.12
N PHE C 9 -7.42 28.92 -19.12
CA PHE C 9 -7.91 28.00 -18.08
C PHE C 9 -9.07 28.60 -17.29
N TRP C 10 -8.88 29.82 -16.77
CA TRP C 10 -9.91 30.53 -16.00
C TRP C 10 -11.14 30.88 -16.83
N ASP C 11 -10.93 31.22 -18.10
CA ASP C 11 -12.01 31.56 -19.03
C ASP C 11 -12.94 30.37 -19.26
N ARG C 12 -12.35 29.22 -19.58
CA ARG C 12 -13.12 27.98 -19.83
C ARG C 12 -13.67 27.30 -18.57
N LEU C 13 -13.04 27.51 -17.41
CA LEU C 13 -13.49 26.92 -16.14
C LEU C 13 -14.90 27.39 -15.69
N GLU C 14 -15.31 28.60 -16.10
CA GLU C 14 -16.66 29.13 -15.77
C GLU C 14 -17.81 28.25 -16.24
N ASP C 15 -17.67 27.73 -17.47
CA ASP C 15 -18.68 26.84 -18.09
C ASP C 15 -18.54 25.35 -17.69
N VAL C 16 -17.50 25.00 -16.93
CA VAL C 16 -17.29 23.62 -16.46
C VAL C 16 -18.29 23.35 -15.33
N ARG C 17 -19.24 22.45 -15.59
CA ARG C 17 -20.30 22.10 -14.64
C ARG C 17 -19.83 21.23 -13.46
N SER C 18 -18.86 20.34 -13.69
CA SER C 18 -18.38 19.39 -12.67
C SER C 18 -16.86 19.24 -12.63
N GLY C 19 -16.39 18.76 -11.48
CA GLY C 19 -14.96 18.50 -11.25
C GLY C 19 -14.76 17.62 -10.02
N MSE C 20 -13.64 16.92 -9.97
CA MSE C 20 -13.33 15.97 -8.89
C MSE C 20 -12.39 16.62 -7.87
O MSE C 20 -11.22 16.84 -8.16
CB MSE C 20 -12.73 14.70 -9.51
CG MSE C 20 -13.61 14.06 -10.58
SE MSE C 20 -15.28 13.38 -9.87
CE MSE C 20 -14.57 11.78 -9.00
N LEU C 21 -12.95 16.92 -6.68
CA LEU C 21 -12.25 17.60 -5.59
C LEU C 21 -11.95 16.67 -4.42
N GLY C 22 -10.82 16.93 -3.75
CA GLY C 22 -10.41 16.17 -2.57
C GLY C 22 -9.22 16.74 -1.81
N ILE C 23 -9.15 16.41 -0.53
CA ILE C 23 -8.03 16.82 0.35
C ILE C 23 -6.98 15.72 0.22
N LYS C 24 -5.71 16.11 0.03
CA LYS C 24 -4.60 15.14 -0.14
C LYS C 24 -4.43 14.23 1.09
N GLY C 25 -4.40 12.91 0.86
CA GLY C 25 -4.27 11.91 1.92
C GLY C 25 -5.55 11.48 2.64
N GLN C 26 -6.67 12.16 2.39
CA GLN C 26 -7.95 11.86 3.04
C GLN C 26 -9.00 11.41 2.02
N GLY C 27 -9.17 10.09 1.88
CA GLY C 27 -10.16 9.51 0.98
C GLY C 27 -9.87 9.71 -0.50
N ARG C 28 -10.94 9.64 -1.30
CA ARG C 28 -10.89 9.81 -2.76
C ARG C 28 -11.58 11.07 -3.24
N LEU C 29 -11.33 11.40 -4.52
CA LEU C 29 -11.91 12.58 -5.15
C LEU C 29 -13.40 12.33 -5.42
N ILE C 30 -14.24 13.30 -5.04
CA ILE C 30 -15.71 13.22 -5.23
C ILE C 30 -16.17 14.36 -6.16
N PRO C 31 -17.28 14.14 -6.91
CA PRO C 31 -17.76 15.20 -7.82
C PRO C 31 -18.34 16.42 -7.08
N MSE C 32 -17.89 17.60 -7.51
CA MSE C 32 -18.34 18.91 -6.97
C MSE C 32 -18.59 19.86 -8.13
O MSE C 32 -18.02 19.68 -9.21
CB MSE C 32 -17.29 19.50 -6.03
CG MSE C 32 -16.93 18.65 -4.82
SE MSE C 32 -18.36 18.47 -3.51
CE MSE C 32 -18.27 20.26 -2.73
N SER C 33 -19.42 20.88 -7.90
CA SER C 33 -19.76 21.90 -8.89
C SER C 33 -18.89 23.15 -8.69
N PRO C 34 -17.87 23.39 -9.57
CA PRO C 34 -17.01 24.57 -9.38
C PRO C 34 -17.70 25.87 -9.82
N GLN C 35 -17.54 26.90 -9.00
CA GLN C 35 -18.11 28.23 -9.23
C GLN C 35 -16.93 29.21 -9.32
N THR C 36 -16.84 29.95 -10.43
CA THR C 36 -15.76 30.92 -10.66
C THR C 36 -16.25 32.19 -11.35
N ASP C 37 -15.39 33.20 -11.36
CA ASP C 37 -15.63 34.48 -12.02
C ASP C 37 -14.29 34.90 -12.64
N ASP C 38 -14.16 34.78 -13.97
CA ASP C 38 -12.89 35.04 -14.68
C ASP C 38 -12.33 36.48 -14.68
N ASP C 39 -13.15 37.49 -14.33
CA ASP C 39 -12.66 38.87 -14.17
C ASP C 39 -12.13 39.14 -12.72
N ALA C 40 -12.34 38.17 -11.81
CA ALA C 40 -11.80 38.18 -10.44
C ALA C 40 -11.25 36.77 -10.10
N PRO C 41 -10.26 36.28 -10.89
CA PRO C 41 -9.76 34.90 -10.74
C PRO C 41 -8.84 34.67 -9.53
N GLY C 42 -8.29 33.45 -9.43
CA GLY C 42 -7.39 33.04 -8.36
C GLY C 42 -7.93 31.93 -7.47
N ALA C 43 -9.27 31.80 -7.40
CA ALA C 43 -9.92 30.77 -6.57
C ALA C 43 -11.12 30.09 -7.27
N ILE C 44 -11.33 28.82 -6.92
CA ILE C 44 -12.45 28.00 -7.41
C ILE C 44 -13.32 27.77 -6.17
N TRP C 45 -14.59 28.18 -6.25
CA TRP C 45 -15.52 28.13 -5.11
C TRP C 45 -16.52 26.98 -5.19
N PHE C 46 -16.85 26.40 -4.03
CA PHE C 46 -17.81 25.28 -3.91
C PHE C 46 -18.77 25.49 -2.73
N ILE C 47 -20.04 25.14 -2.92
CA ILE C 47 -21.08 25.22 -1.88
C ILE C 47 -21.40 23.79 -1.45
N THR C 48 -21.20 23.48 -0.17
CA THR C 48 -21.47 22.16 0.42
C THR C 48 -22.01 22.27 1.86
N ALA C 49 -22.36 21.11 2.43
CA ALA C 49 -22.87 21.02 3.80
C ALA C 49 -21.72 20.89 4.81
N LYS C 50 -21.95 21.37 6.03
CA LYS C 50 -20.95 21.26 7.13
C LYS C 50 -20.72 19.81 7.60
N GLY C 51 -21.74 18.96 7.47
CA GLY C 51 -21.64 17.55 7.83
C GLY C 51 -20.80 16.66 6.92
N THR C 52 -20.44 17.16 5.72
CA THR C 52 -19.65 16.40 4.75
C THR C 52 -18.18 16.26 5.17
N ASP C 53 -17.49 15.29 4.57
CA ASP C 53 -16.07 15.01 4.86
C ASP C 53 -15.12 16.13 4.44
N LEU C 54 -15.41 16.80 3.31
CA LEU C 54 -14.59 17.96 2.87
C LEU C 54 -14.68 19.15 3.83
N ALA C 55 -15.90 19.45 4.30
CA ALA C 55 -16.15 20.54 5.25
C ALA C 55 -15.46 20.30 6.59
N LYS C 56 -15.62 19.09 7.13
CA LYS C 56 -14.96 18.68 8.39
C LYS C 56 -13.44 18.60 8.26
N GLY C 57 -12.96 18.20 7.07
CA GLY C 57 -11.52 18.11 6.78
C GLY C 57 -10.76 19.42 6.78
N VAL C 58 -11.46 20.53 6.48
CA VAL C 58 -10.88 21.89 6.46
C VAL C 58 -11.39 22.80 7.60
N ALA C 59 -12.13 22.24 8.57
CA ALA C 59 -12.67 22.99 9.71
C ALA C 59 -11.57 23.53 10.64
N ALA C 60 -10.51 22.73 10.85
CA ALA C 60 -9.34 23.14 11.65
C ALA C 60 -8.53 24.24 10.95
N GLY C 61 -8.50 24.21 9.61
CA GLY C 61 -7.77 25.20 8.81
C GLY C 61 -7.48 24.72 7.39
N PRO C 62 -6.80 25.57 6.56
CA PRO C 62 -6.45 25.21 5.18
C PRO C 62 -5.62 23.92 5.06
N GLN C 63 -5.98 23.06 4.10
CA GLN C 63 -5.31 21.78 3.83
C GLN C 63 -4.84 21.71 2.38
N PRO C 64 -3.71 20.99 2.11
CA PRO C 64 -3.33 20.74 0.70
C PRO C 64 -4.39 19.86 0.03
N ALA C 65 -4.86 20.28 -1.15
CA ALA C 65 -5.93 19.59 -1.87
C ALA C 65 -5.64 19.43 -3.36
N GLN C 66 -6.51 18.65 -4.00
CA GLN C 66 -6.43 18.35 -5.44
C GLN C 66 -7.78 18.55 -6.10
N PHE C 67 -7.78 19.15 -7.29
CA PHE C 67 -8.98 19.37 -8.10
C PHE C 67 -8.69 18.93 -9.54
N VAL C 68 -9.40 17.90 -9.99
CA VAL C 68 -9.24 17.33 -11.34
C VAL C 68 -10.45 17.70 -12.21
N VAL C 69 -10.18 18.22 -13.41
CA VAL C 69 -11.19 18.63 -14.39
C VAL C 69 -11.00 17.81 -15.67
N SER C 70 -12.11 17.42 -16.29
CA SER C 70 -12.12 16.68 -17.56
C SER C 70 -13.46 16.95 -18.25
N ASP C 71 -13.53 18.06 -18.98
CA ASP C 71 -14.76 18.53 -19.63
C ASP C 71 -14.60 18.58 -21.16
N ASP C 72 -15.27 17.66 -21.86
CA ASP C 72 -15.23 17.57 -23.33
C ASP C 72 -15.97 18.74 -24.02
N GLY C 73 -17.05 19.22 -23.41
CA GLY C 73 -17.83 20.35 -23.92
C GLY C 73 -17.01 21.64 -24.02
N GLU C 74 -16.17 21.88 -23.02
CA GLU C 74 -15.26 23.05 -22.96
C GLU C 74 -13.83 22.76 -23.39
N GLY C 75 -13.48 21.50 -23.67
CA GLY C 75 -12.12 21.13 -24.08
C GLY C 75 -11.03 21.47 -23.07
N LEU C 76 -11.37 21.39 -21.78
CA LEU C 76 -10.48 21.69 -20.67
C LEU C 76 -10.23 20.43 -19.87
N TYR C 77 -8.96 20.07 -19.72
CA TYR C 77 -8.52 18.90 -18.95
C TYR C 77 -7.39 19.37 -18.04
N ALA C 78 -7.52 19.18 -16.73
CA ALA C 78 -6.51 19.66 -15.77
C ALA C 78 -6.44 18.87 -14.47
N ASP C 79 -5.21 18.68 -13.97
CA ASP C 79 -4.93 18.03 -12.69
C ASP C 79 -4.22 19.11 -11.87
N LEU C 80 -4.98 19.77 -10.99
CA LEU C 80 -4.48 20.90 -10.19
C LEU C 80 -4.14 20.56 -8.74
N ASP C 81 -2.97 21.01 -8.28
CA ASP C 81 -2.58 20.95 -6.87
C ASP C 81 -2.89 22.34 -6.31
N GLY C 82 -3.43 22.38 -5.10
CA GLY C 82 -3.79 23.65 -4.46
C GLY C 82 -4.03 23.55 -2.96
N THR C 83 -4.80 24.50 -2.44
CA THR C 83 -5.15 24.58 -1.03
C THR C 83 -6.66 24.74 -0.89
N LEU C 84 -7.31 23.85 -0.14
CA LEU C 84 -8.75 23.91 0.13
C LEU C 84 -8.96 24.47 1.53
N GLU C 85 -9.80 25.50 1.66
CA GLU C 85 -10.11 26.12 2.95
C GLU C 85 -11.58 26.54 3.07
N ARG C 86 -12.00 26.74 4.31
CA ARG C 86 -13.36 27.17 4.65
C ARG C 86 -13.36 28.70 4.58
N SER C 87 -14.32 29.28 3.84
CA SER C 87 -14.42 30.74 3.67
C SER C 87 -15.65 31.32 4.36
N THR C 88 -15.46 32.49 4.97
CA THR C 88 -16.53 33.25 5.64
C THR C 88 -16.85 34.55 4.85
N ASP C 89 -16.57 34.54 3.54
CA ASP C 89 -16.79 35.70 2.67
C ASP C 89 -18.26 35.74 2.25
N ARG C 90 -19.00 36.72 2.78
CA ARG C 90 -20.44 36.89 2.49
C ARG C 90 -20.71 37.33 1.05
N GLU C 91 -19.85 38.18 0.50
CA GLU C 91 -19.97 38.67 -0.89
C GLU C 91 -19.76 37.55 -1.93
N ALA C 92 -18.81 36.65 -1.65
CA ALA C 92 -18.54 35.49 -2.53
C ALA C 92 -19.67 34.46 -2.44
N LEU C 93 -20.17 34.20 -1.22
CA LEU C 93 -21.31 33.29 -0.98
C LEU C 93 -22.56 33.73 -1.74
N ASP C 94 -22.87 35.03 -1.65
CA ASP C 94 -24.02 35.63 -2.35
C ASP C 94 -23.85 35.60 -3.88
N GLU C 95 -22.62 35.78 -4.36
CA GLU C 95 -22.32 35.77 -5.80
C GLU C 95 -22.57 34.42 -6.46
N PHE C 96 -22.03 33.36 -5.84
CA PHE C 96 -22.13 31.98 -6.37
C PHE C 96 -23.35 31.17 -5.90
N TRP C 97 -24.27 31.80 -5.17
CA TRP C 97 -25.52 31.15 -4.74
C TRP C 97 -26.45 31.06 -5.95
N SER C 98 -27.20 29.97 -6.03
CA SER C 98 -28.10 29.71 -7.15
C SER C 98 -29.37 28.98 -6.71
N PHE C 99 -30.32 28.88 -7.64
CA PHE C 99 -31.58 28.16 -7.42
C PHE C 99 -31.31 26.65 -7.16
N VAL C 100 -30.32 26.09 -7.87
CA VAL C 100 -29.91 24.67 -7.70
C VAL C 100 -29.30 24.44 -6.32
N ALA C 101 -28.33 25.28 -5.94
CA ALA C 101 -27.68 25.22 -4.62
C ALA C 101 -28.67 25.42 -3.47
N ASP C 102 -29.64 26.31 -3.68
CA ASP C 102 -30.70 26.60 -2.69
C ASP C 102 -31.61 25.39 -2.40
N ALA C 103 -31.74 24.47 -3.37
CA ALA C 103 -32.56 23.24 -3.19
C ALA C 103 -32.03 22.29 -2.09
N TRP C 104 -30.73 22.33 -1.83
CA TRP C 104 -30.09 21.50 -0.79
C TRP C 104 -30.18 22.05 0.66
N PHE C 105 -30.62 23.30 0.83
CA PHE C 105 -30.72 23.96 2.15
C PHE C 105 -32.08 24.63 2.37
N ASP C 106 -32.64 24.47 3.56
CA ASP C 106 -33.96 25.03 3.90
C ASP C 106 -33.94 26.54 4.09
N GLY C 107 -32.99 27.03 4.89
CA GLY C 107 -32.89 28.45 5.25
C GLY C 107 -32.12 29.43 4.36
N GLY C 108 -31.99 29.12 3.06
CA GLY C 108 -31.29 29.99 2.11
C GLY C 108 -29.78 29.98 2.28
N GLN C 109 -29.12 31.04 1.81
CA GLN C 109 -27.65 31.15 1.92
C GLN C 109 -27.14 31.36 3.36
N HIS C 110 -28.00 31.87 4.25
CA HIS C 110 -27.68 32.07 5.67
C HIS C 110 -28.31 30.94 6.53
N ASP C 111 -28.13 29.70 6.06
CA ASP C 111 -28.60 28.49 6.74
C ASP C 111 -27.38 28.04 7.54
N PRO C 112 -27.55 27.65 8.84
CA PRO C 112 -26.41 27.14 9.63
C PRO C 112 -25.59 25.98 9.05
N ASP C 113 -26.19 25.16 8.18
CA ASP C 113 -25.50 24.03 7.52
C ASP C 113 -24.69 24.37 6.25
N VAL C 114 -24.82 25.59 5.71
CA VAL C 114 -24.09 26.01 4.49
C VAL C 114 -22.59 26.24 4.79
N CYS C 115 -21.73 25.71 3.91
CA CYS C 115 -20.28 25.80 4.02
C CYS C 115 -19.67 26.15 2.66
N LEU C 116 -19.03 27.32 2.56
CA LEU C 116 -18.39 27.80 1.33
C LEU C 116 -16.92 27.38 1.36
N LEU C 117 -16.53 26.49 0.45
CA LEU C 117 -15.14 26.02 0.32
C LEU C 117 -14.44 26.82 -0.77
N LYS C 118 -13.19 27.19 -0.51
CA LYS C 118 -12.36 27.96 -1.44
C LYS C 118 -11.12 27.14 -1.80
N PHE C 119 -10.98 26.79 -3.08
CA PHE C 119 -9.83 26.08 -3.60
C PHE C 119 -8.97 27.07 -4.39
N THR C 120 -7.73 27.29 -3.93
CA THR C 120 -6.78 28.18 -4.60
C THR C 120 -5.76 27.30 -5.33
N PRO C 121 -5.79 27.26 -6.69
CA PRO C 121 -4.80 26.44 -7.41
C PRO C 121 -3.37 26.97 -7.25
N ALA C 122 -2.44 26.06 -6.95
CA ALA C 122 -1.01 26.38 -6.82
C ALA C 122 -0.31 26.11 -8.14
N SER C 123 -0.55 24.92 -8.68
CA SER C 123 0.01 24.49 -9.97
C SER C 123 -0.75 23.30 -10.54
N GLY C 124 -0.49 22.97 -11.81
CA GLY C 124 -1.14 21.83 -12.45
C GLY C 124 -0.76 21.61 -13.90
N GLU C 125 -1.01 20.39 -14.38
CA GLU C 125 -0.76 20.02 -15.78
C GLU C 125 -2.10 20.18 -16.47
N ILE C 126 -2.17 21.14 -17.40
CA ILE C 126 -3.41 21.54 -18.10
C ILE C 126 -3.32 21.25 -19.60
N SER C 127 -4.43 20.77 -20.17
CA SER C 127 -4.59 20.55 -21.61
C SER C 127 -5.83 21.33 -22.07
N ILE C 128 -5.64 22.21 -23.06
CA ILE C 128 -6.71 23.05 -23.61
C ILE C 128 -6.76 22.86 -25.12
N THR C 129 -7.82 22.21 -25.63
CA THR C 129 -8.00 22.02 -27.07
C THR C 129 -8.42 23.37 -27.68
N GLU C 130 -8.07 23.59 -28.95
CA GLU C 130 -8.37 24.83 -29.67
C GLU C 130 -9.19 24.55 -30.93
N GLY C 131 -9.96 25.55 -31.37
CA GLY C 131 -10.78 25.44 -32.57
C GLY C 131 -12.07 24.63 -32.52
N GLY C 132 -12.40 24.06 -31.36
CA GLY C 132 -13.62 23.27 -31.16
C GLY C 132 -13.69 22.00 -31.98
N GLY C 133 -14.92 21.53 -32.22
CA GLY C 133 -15.18 20.33 -33.03
C GLY C 133 -14.80 20.46 -34.50
N ALA C 134 -14.77 21.70 -35.03
CA ALA C 134 -14.38 21.98 -36.42
C ALA C 134 -12.90 21.65 -36.67
N ARG C 135 -12.02 22.04 -35.74
CA ARG C 135 -10.58 21.75 -35.86
C ARG C 135 -10.30 20.25 -35.66
N PHE C 136 -11.04 19.59 -34.78
CA PHE C 136 -10.91 18.13 -34.56
C PHE C 136 -11.13 17.37 -35.88
N LEU C 137 -12.24 17.65 -36.56
CA LEU C 137 -12.57 17.02 -37.87
C LEU C 137 -11.47 17.28 -38.91
N TYR C 138 -11.01 18.53 -38.98
CA TYR C 138 -9.93 18.94 -39.88
C TYR C 138 -8.60 18.24 -39.57
N GLU C 139 -8.18 18.28 -38.30
CA GLU C 139 -6.91 17.67 -37.86
C GLU C 139 -6.81 16.16 -38.11
N ILE C 140 -7.90 15.44 -37.88
CA ILE C 140 -7.95 13.99 -38.12
C ILE C 140 -7.89 13.70 -39.63
N ALA C 141 -8.78 14.32 -40.41
CA ALA C 141 -8.82 14.17 -41.87
C ALA C 141 -7.51 14.56 -42.55
N LYS C 142 -6.94 15.69 -42.15
CA LYS C 142 -5.64 16.17 -42.66
C LYS C 142 -4.47 15.26 -42.25
N ALA C 143 -4.58 14.57 -41.09
CA ALA C 143 -3.56 13.60 -40.64
C ALA C 143 -3.49 12.38 -41.56
N HIS C 144 -4.66 11.85 -41.95
CA HIS C 144 -4.76 10.74 -42.91
C HIS C 144 -4.27 11.12 -44.32
N LEU C 145 -4.41 12.40 -44.70
CA LEU C 145 -3.99 12.90 -46.02
C LEU C 145 -2.52 13.34 -46.13
N THR C 146 -1.87 13.70 -45.02
CA THR C 146 -0.49 14.25 -45.06
C THR C 146 0.58 13.65 -44.10
N ASP C 147 0.22 12.63 -43.32
CA ASP C 147 1.11 12.01 -42.29
C ASP C 147 1.53 12.98 -41.16
N GLU C 148 0.77 14.05 -40.95
CA GLU C 148 1.05 15.04 -39.90
C GLU C 148 0.31 14.62 -38.63
N THR C 149 0.99 14.73 -37.49
CA THR C 149 0.39 14.39 -36.21
C THR C 149 -0.68 15.45 -35.88
N PRO C 150 -1.91 15.03 -35.50
CA PRO C 150 -2.94 16.01 -35.13
C PRO C 150 -2.54 16.93 -33.97
N ASP C 151 -2.71 18.24 -34.17
CA ASP C 151 -2.42 19.26 -33.16
C ASP C 151 -3.79 19.81 -32.73
N MSE C 152 -4.30 19.29 -31.61
CA MSE C 152 -5.61 19.67 -31.06
C MSE C 152 -5.57 20.96 -30.22
O MSE C 152 -6.59 21.62 -30.10
CB MSE C 152 -6.20 18.52 -30.22
CG MSE C 152 -6.29 17.18 -30.95
SE MSE C 152 -7.20 17.26 -32.68
CE MSE C 152 -7.17 15.36 -33.14
N GLY C 153 -4.41 21.29 -29.63
CA GLY C 153 -4.28 22.50 -28.82
C GLY C 153 -2.95 22.60 -28.08
N GLU C 154 -2.99 23.07 -26.83
CA GLU C 154 -1.80 23.21 -25.99
C GLU C 154 -1.89 22.30 -24.76
N GLN C 155 -0.72 21.86 -24.29
CA GLN C 155 -0.56 21.06 -23.08
C GLN C 155 0.70 21.56 -22.36
N ALA C 156 0.57 21.89 -21.08
CA ALA C 156 1.70 22.39 -20.29
C ALA C 156 1.47 22.31 -18.78
N THR C 157 2.57 22.32 -18.03
CA THR C 157 2.57 22.33 -16.58
C THR C 157 2.68 23.82 -16.22
N VAL C 158 1.63 24.35 -15.58
CA VAL C 158 1.51 25.77 -15.23
C VAL C 158 1.66 26.00 -13.73
N THR C 159 2.26 27.15 -13.37
CA THR C 159 2.41 27.61 -11.99
C THR C 159 1.51 28.84 -11.85
N PHE C 160 0.50 28.76 -10.98
CA PHE C 160 -0.44 29.88 -10.76
C PHE C 160 0.16 30.98 -9.87
CA CA D . -7.36 -27.05 -1.43
CA CA E . -3.50 -25.83 -2.80
CA CA F . 30.74 -22.45 -9.14
CA CA G . 21.24 2.35 18.23
CA CA H . -15.77 32.52 -19.64
CA CA I . -17.09 35.89 -17.86
CA CA J . -0.62 8.03 -44.35
#